data_7EMP
#
_entry.id   7EMP
#
_cell.length_a   84.956
_cell.length_b   84.956
_cell.length_c   84.452
_cell.angle_alpha   90.000
_cell.angle_beta   90.000
_cell.angle_gamma   90.000
#
_symmetry.space_group_name_H-M   'P 41'
#
loop_
_entity.id
_entity.type
_entity.pdbx_description
1 polymer 'Heme acquisition protein HasAp'
2 non-polymer chromium-5,10,15,20-tetraphenylporphyrin
3 non-polymer '2-[N-CYCLOHEXYLAMINO]ETHANE SULFONIC ACID'
4 non-polymer '3-CYCLOHEXYL-1-PROPYLSULFONIC ACID'
5 non-polymer 'PHOSPHATE ION'
6 non-polymer GLYCEROL
7 water water
#
_entity_poly.entity_id   1
_entity_poly.type   'polypeptide(L)'
_entity_poly.pdbx_seq_one_letter_code
;MSISISYSTTYSGWTVADYLADWSAYFGDVNHRPGQVVDGSNTGGFNPGPFDGSQYALKSTASDAAFIAGGDLHYTLFSN
PSHTLWGKLDSIALGDTLTGGASSGGYALDSQEVSFSNLGLDSPIAQGRDGTVHKVVYGLMSGDSSALQGQIDALLKAVD
PSLSINSTFDQLAAAGVAHATPAA
;
_entity_poly.pdbx_strand_id   A,B,C
#
# COMPACT_ATOMS: atom_id res chain seq x y z
N MET A 1 -30.31 27.10 13.44
CA MET A 1 -30.09 26.69 14.86
C MET A 1 -31.04 25.55 15.26
N SER A 2 -32.04 25.21 14.43
CA SER A 2 -33.06 24.17 14.79
C SER A 2 -32.56 22.77 14.42
N ILE A 3 -32.78 21.81 15.31
CA ILE A 3 -32.51 20.38 15.04
C ILE A 3 -33.15 20.01 13.70
N SER A 4 -32.43 19.20 12.92
CA SER A 4 -32.90 18.60 11.67
C SER A 4 -32.78 17.09 11.78
N ILE A 5 -33.77 16.35 11.34
CA ILE A 5 -33.78 14.88 11.49
C ILE A 5 -34.00 14.29 10.12
N SER A 6 -33.23 13.26 9.78
N SER A 6 -33.23 13.26 9.77
CA SER A 6 -33.50 12.41 8.60
CA SER A 6 -33.45 12.43 8.56
C SER A 6 -33.94 11.04 9.07
C SER A 6 -33.84 11.01 8.99
N TYR A 7 -34.80 10.40 8.31
CA TYR A 7 -35.25 9.04 8.64
C TYR A 7 -35.61 8.30 7.36
N SER A 8 -35.18 7.04 7.30
CA SER A 8 -35.66 6.10 6.29
C SER A 8 -37.20 6.02 6.38
N THR A 9 -37.87 5.99 5.24
CA THR A 9 -39.34 5.86 5.19
C THR A 9 -39.81 4.64 5.98
N THR A 10 -38.97 3.61 6.12
CA THR A 10 -39.29 2.40 6.90
C THR A 10 -39.72 2.78 8.32
N TYR A 11 -39.18 3.86 8.89
CA TYR A 11 -39.39 4.23 10.31
C TYR A 11 -40.40 5.37 10.44
N SER A 12 -41.16 5.71 9.38
CA SER A 12 -42.09 6.86 9.38
C SER A 12 -43.05 6.79 10.59
N GLY A 13 -43.52 5.59 10.93
CA GLY A 13 -44.54 5.41 11.98
C GLY A 13 -43.94 5.13 13.35
N TRP A 14 -42.62 5.15 13.49
CA TRP A 14 -41.93 4.95 14.79
C TRP A 14 -41.87 6.27 15.55
N THR A 15 -41.94 6.20 16.87
CA THR A 15 -41.53 7.36 17.68
C THR A 15 -40.01 7.40 17.76
N VAL A 16 -39.46 8.59 17.95
CA VAL A 16 -37.99 8.75 18.08
C VAL A 16 -37.52 7.94 19.29
N ALA A 17 -38.26 7.99 20.40
CA ALA A 17 -37.91 7.30 21.64
C ALA A 17 -37.87 5.78 21.39
N ASP A 18 -38.86 5.25 20.71
CA ASP A 18 -38.93 3.80 20.47
C ASP A 18 -37.79 3.37 19.54
N TYR A 19 -37.49 4.19 18.52
CA TYR A 19 -36.38 3.86 17.60
C TYR A 19 -35.09 3.81 18.41
N LEU A 20 -34.82 4.84 19.22
CA LEU A 20 -33.52 4.91 19.91
C LEU A 20 -33.41 3.84 20.98
N ALA A 21 -34.51 3.46 21.64
CA ALA A 21 -34.45 2.38 22.65
C ALA A 21 -34.07 1.08 21.95
N ASP A 22 -34.61 0.85 20.76
CA ASP A 22 -34.29 -0.41 20.02
C ASP A 22 -32.87 -0.30 19.46
N TRP A 23 -32.49 0.85 18.91
CA TRP A 23 -31.15 0.98 18.32
C TRP A 23 -30.06 0.76 19.38
N SER A 24 -30.21 1.33 20.56
CA SER A 24 -29.23 1.17 21.66
C SER A 24 -29.06 -0.32 21.98
N ALA A 25 -30.16 -1.04 22.09
CA ALA A 25 -30.12 -2.48 22.44
C ALA A 25 -29.54 -3.29 21.28
N TYR A 26 -29.84 -2.91 20.04
CA TYR A 26 -29.37 -3.59 18.81
C TYR A 26 -27.85 -3.39 18.65
N PHE A 27 -27.35 -2.19 18.86
CA PHE A 27 -25.90 -1.93 18.83
C PHE A 27 -25.25 -2.62 20.05
N GLY A 28 -25.91 -2.51 21.19
CA GLY A 28 -25.42 -3.11 22.45
C GLY A 28 -24.29 -2.30 23.05
N ASP A 29 -23.39 -3.00 23.73
CA ASP A 29 -22.30 -2.38 24.51
C ASP A 29 -20.99 -2.98 24.01
N VAL A 30 -20.11 -2.16 23.44
CA VAL A 30 -18.83 -2.68 22.91
C VAL A 30 -17.86 -2.96 24.07
N ASN A 31 -18.18 -2.56 25.28
CA ASN A 31 -17.35 -2.83 26.51
C ASN A 31 -15.99 -2.15 26.37
N HIS A 32 -15.98 -0.87 26.04
CA HIS A 32 -14.75 -0.06 26.05
C HIS A 32 -14.49 0.42 27.47
N ARG A 33 -13.82 -0.42 28.26
CA ARG A 33 -13.60 -0.20 29.69
C ARG A 33 -12.29 -0.84 30.09
N PRO A 34 -11.69 -0.44 31.22
CA PRO A 34 -10.41 -1.00 31.65
C PRO A 34 -10.39 -2.52 31.62
N GLY A 35 -9.37 -3.06 30.97
CA GLY A 35 -9.13 -4.51 30.90
C GLY A 35 -9.94 -5.17 29.81
N GLN A 36 -10.80 -4.39 29.10
CA GLN A 36 -11.69 -4.94 28.06
C GLN A 36 -11.38 -4.34 26.68
N VAL A 37 -10.43 -3.40 26.59
CA VAL A 37 -10.22 -2.73 25.28
C VAL A 37 -9.40 -3.62 24.39
N VAL A 38 -9.85 -3.58 23.12
CA VAL A 38 -9.43 -4.46 21.99
C VAL A 38 -9.33 -3.55 20.78
N ASP A 39 -8.13 -3.21 20.39
CA ASP A 39 -7.90 -2.31 19.24
C ASP A 39 -8.48 -3.04 18.04
N GLY A 40 -9.15 -2.27 17.17
CA GLY A 40 -9.70 -2.77 15.90
C GLY A 40 -10.95 -3.58 16.17
N SER A 41 -11.31 -3.73 17.44
CA SER A 41 -12.59 -4.37 17.85
C SER A 41 -13.50 -3.32 18.52
N ASN A 42 -13.03 -2.60 19.55
CA ASN A 42 -13.98 -1.73 20.29
C ASN A 42 -13.36 -0.37 20.59
N THR A 43 -12.44 0.13 19.75
CA THR A 43 -11.88 1.50 19.92
C THR A 43 -12.69 2.52 19.11
N GLY A 44 -13.18 2.11 17.95
CA GLY A 44 -13.66 3.03 16.93
C GLY A 44 -12.49 3.77 16.33
N GLY A 45 -12.81 4.85 15.63
CA GLY A 45 -11.79 5.63 14.92
C GLY A 45 -12.21 7.07 14.74
N PHE A 46 -11.23 7.93 14.58
CA PHE A 46 -11.44 9.36 14.25
C PHE A 46 -11.06 9.61 12.80
N ASN A 47 -11.76 10.56 12.21
CA ASN A 47 -11.39 11.10 10.89
C ASN A 47 -11.06 12.56 11.10
N PRO A 48 -9.78 13.00 10.98
CA PRO A 48 -8.68 12.15 10.51
C PRO A 48 -7.83 11.46 11.59
N GLY A 49 -8.13 11.76 12.85
CA GLY A 49 -7.36 11.22 13.97
C GLY A 49 -6.00 11.87 14.08
N PRO A 50 -5.10 11.29 14.89
CA PRO A 50 -5.38 10.03 15.58
C PRO A 50 -6.29 10.14 16.81
N PHE A 51 -6.30 11.28 17.50
CA PHE A 51 -7.08 11.48 18.76
C PHE A 51 -8.07 12.64 18.66
N ASP A 52 -8.29 13.15 17.46
CA ASP A 52 -9.21 14.28 17.20
C ASP A 52 -9.81 14.04 15.82
N GLY A 53 -11.01 14.57 15.58
CA GLY A 53 -11.62 14.40 14.26
C GLY A 53 -12.84 15.27 14.09
N SER A 54 -13.17 15.50 12.83
CA SER A 54 -14.52 15.94 12.44
C SER A 54 -15.53 14.80 12.56
N GLN A 55 -15.06 13.55 12.62
CA GLN A 55 -15.93 12.39 12.87
C GLN A 55 -15.25 11.44 13.86
N TYR A 56 -16.08 10.84 14.70
CA TYR A 56 -15.75 9.62 15.47
C TYR A 56 -16.79 8.58 15.11
N ALA A 57 -16.36 7.38 14.75
CA ALA A 57 -17.26 6.34 14.26
C ALA A 57 -16.93 5.01 14.92
N LEU A 58 -17.94 4.20 15.14
CA LEU A 58 -17.81 2.92 15.87
C LEU A 58 -18.81 1.92 15.32
N LYS A 59 -18.32 0.72 15.05
N LYS A 59 -18.32 0.72 15.04
CA LYS A 59 -19.18 -0.44 14.71
CA LYS A 59 -19.14 -0.47 14.71
C LYS A 59 -19.47 -1.24 15.99
C LYS A 59 -19.46 -1.24 16.00
N SER A 60 -20.68 -1.75 16.07
CA SER A 60 -21.10 -2.72 17.11
C SER A 60 -20.21 -3.96 17.03
N THR A 61 -20.01 -4.63 18.16
CA THR A 61 -19.42 -5.97 18.20
C THR A 61 -20.50 -7.04 18.30
N ALA A 62 -21.78 -6.65 18.38
CA ALA A 62 -22.91 -7.60 18.54
C ALA A 62 -23.69 -7.75 17.23
N SER A 63 -23.78 -6.68 16.44
CA SER A 63 -24.61 -6.58 15.21
C SER A 63 -23.88 -5.76 14.17
N ASP A 64 -24.54 -5.50 13.04
CA ASP A 64 -24.01 -4.68 11.92
C ASP A 64 -24.19 -3.20 12.26
N ALA A 65 -24.78 -2.87 13.40
CA ALA A 65 -25.06 -1.47 13.75
C ALA A 65 -23.75 -0.67 13.76
N ALA A 66 -23.86 0.61 13.42
CA ALA A 66 -22.73 1.55 13.57
C ALA A 66 -23.27 2.95 13.74
N PHE A 67 -22.48 3.82 14.35
CA PHE A 67 -22.82 5.24 14.41
C PHE A 67 -21.63 6.09 13.96
N ILE A 68 -21.96 7.29 13.49
CA ILE A 68 -20.96 8.34 13.21
C ILE A 68 -21.36 9.59 13.96
N ALA A 69 -20.47 10.07 14.80
CA ALA A 69 -20.62 11.35 15.50
C ALA A 69 -19.85 12.41 14.69
N GLY A 70 -20.50 13.49 14.36
CA GLY A 70 -19.89 14.53 13.53
C GLY A 70 -19.78 15.85 14.28
N GLY A 71 -18.68 16.54 14.10
CA GLY A 71 -18.48 17.87 14.71
C GLY A 71 -17.00 18.22 14.72
N ASP A 72 -16.50 18.51 15.90
CA ASP A 72 -15.08 18.84 16.13
C ASP A 72 -14.72 18.25 17.49
N LEU A 73 -14.32 16.99 17.45
CA LEU A 73 -14.24 16.11 18.64
C LEU A 73 -12.79 15.81 19.00
N HIS A 74 -12.56 15.64 20.30
CA HIS A 74 -11.20 15.52 20.86
C HIS A 74 -11.25 14.51 21.97
N TYR A 75 -10.30 13.58 21.99
CA TYR A 75 -10.16 12.58 23.08
C TYR A 75 -8.85 12.81 23.82
N THR A 76 -8.90 12.77 25.15
CA THR A 76 -7.73 13.10 25.99
C THR A 76 -6.84 11.89 26.33
N LEU A 77 -7.29 10.66 26.08
CA LEU A 77 -6.55 9.42 26.40
C LEU A 77 -6.09 9.50 27.88
N PHE A 78 -4.78 9.56 28.17
CA PHE A 78 -4.31 9.51 29.56
C PHE A 78 -4.28 10.88 30.22
N SER A 79 -4.47 11.93 29.45
CA SER A 79 -4.15 13.30 29.90
C SER A 79 -5.33 13.85 30.71
N ASN A 80 -5.05 14.58 31.76
CA ASN A 80 -6.12 15.11 32.65
C ASN A 80 -6.99 16.07 31.85
N PRO A 81 -8.33 15.95 31.86
CA PRO A 81 -9.06 14.86 32.52
C PRO A 81 -9.15 13.61 31.64
N SER A 82 -8.68 12.49 32.16
CA SER A 82 -8.39 11.31 31.31
C SER A 82 -9.67 10.77 30.70
N HIS A 83 -9.51 10.21 29.50
CA HIS A 83 -10.54 9.45 28.77
C HIS A 83 -11.81 10.29 28.63
N THR A 84 -11.64 11.54 28.25
CA THR A 84 -12.73 12.48 27.96
C THR A 84 -12.85 12.69 26.46
N LEU A 85 -14.07 12.55 25.93
CA LEU A 85 -14.42 13.04 24.59
C LEU A 85 -15.12 14.39 24.73
N TRP A 86 -14.51 15.43 24.17
CA TRP A 86 -15.07 16.78 24.31
C TRP A 86 -15.02 17.50 22.96
N GLY A 87 -15.60 18.68 22.93
CA GLY A 87 -15.64 19.52 21.72
C GLY A 87 -17.06 19.73 21.25
N LYS A 88 -17.22 19.89 19.95
CA LYS A 88 -18.52 20.20 19.32
C LYS A 88 -19.10 18.92 18.75
N LEU A 89 -20.36 18.66 19.08
CA LEU A 89 -21.13 17.56 18.47
C LEU A 89 -22.30 18.18 17.71
N ASP A 90 -22.22 18.11 16.39
CA ASP A 90 -23.24 18.65 15.48
C ASP A 90 -24.23 17.58 15.04
N SER A 91 -23.80 16.32 14.90
CA SER A 91 -24.63 15.30 14.25
C SER A 91 -24.35 13.91 14.80
N ILE A 92 -25.39 13.11 14.81
CA ILE A 92 -25.32 11.65 15.06
C ILE A 92 -26.05 10.96 13.92
N ALA A 93 -25.37 10.05 13.26
CA ALA A 93 -25.97 9.20 12.21
C ALA A 93 -25.93 7.75 12.67
N LEU A 94 -27.09 7.10 12.56
CA LEU A 94 -27.29 5.72 13.03
C LEU A 94 -27.67 4.84 11.85
N GLY A 95 -27.10 3.65 11.80
CA GLY A 95 -27.54 2.69 10.79
C GLY A 95 -26.69 1.44 10.85
N ASP A 96 -26.46 0.85 9.69
CA ASP A 96 -25.77 -0.45 9.55
C ASP A 96 -24.56 -0.27 8.65
N THR A 97 -23.44 -0.90 9.00
CA THR A 97 -22.31 -1.22 8.11
C THR A 97 -21.51 0.06 7.88
N LEU A 98 -20.51 0.28 8.73
CA LEU A 98 -19.62 1.45 8.62
C LEU A 98 -18.60 1.19 7.51
N THR A 99 -18.35 2.20 6.68
CA THR A 99 -17.25 2.17 5.67
C THR A 99 -16.40 3.45 5.76
N GLY A 100 -15.24 3.42 5.10
CA GLY A 100 -14.46 4.63 4.84
C GLY A 100 -13.65 5.02 6.04
N GLY A 101 -13.40 6.32 6.19
CA GLY A 101 -12.31 6.88 7.00
C GLY A 101 -11.71 8.08 6.29
N ALA A 102 -10.65 8.67 6.87
CA ALA A 102 -9.99 9.88 6.34
C ALA A 102 -9.67 9.69 4.85
N SER A 103 -9.03 8.58 4.51
CA SER A 103 -8.43 8.36 3.17
C SER A 103 -9.54 8.20 2.13
N SER A 104 -10.77 7.93 2.58
CA SER A 104 -11.97 7.76 1.72
C SER A 104 -12.76 9.07 1.59
N GLY A 105 -12.34 10.16 2.25
CA GLY A 105 -13.09 11.42 2.31
C GLY A 105 -14.11 11.44 3.44
N GLY A 106 -14.03 10.45 4.33
CA GLY A 106 -14.82 10.40 5.56
C GLY A 106 -15.41 9.02 5.80
N TYR A 107 -16.08 8.89 6.93
CA TYR A 107 -16.86 7.68 7.25
C TYR A 107 -18.26 7.82 6.68
N ALA A 108 -18.84 6.66 6.38
CA ALA A 108 -20.17 6.53 5.79
C ALA A 108 -20.82 5.26 6.31
N LEU A 109 -22.14 5.28 6.38
CA LEU A 109 -22.93 4.05 6.67
C LEU A 109 -23.46 3.48 5.33
N ASP A 110 -23.32 2.18 5.12
N ASP A 110 -23.33 2.18 5.12
CA ASP A 110 -23.93 1.47 3.96
CA ASP A 110 -23.95 1.51 3.94
C ASP A 110 -25.45 1.70 3.99
C ASP A 110 -25.46 1.74 3.99
N SER A 111 -26.07 1.64 5.18
CA SER A 111 -27.51 1.89 5.39
C SER A 111 -27.69 2.90 6.51
N GLN A 112 -27.91 4.16 6.17
CA GLN A 112 -28.21 5.19 7.19
C GLN A 112 -29.71 5.12 7.44
N GLU A 113 -30.10 4.82 8.67
CA GLU A 113 -31.52 4.73 9.05
C GLU A 113 -32.02 6.08 9.53
N VAL A 114 -31.34 6.69 10.50
CA VAL A 114 -31.80 7.93 11.14
C VAL A 114 -30.57 8.80 11.36
N SER A 115 -30.76 10.12 11.24
CA SER A 115 -29.72 11.05 11.68
C SER A 115 -30.34 12.26 12.37
N PHE A 116 -29.56 12.84 13.25
CA PHE A 116 -29.92 14.07 13.98
C PHE A 116 -28.79 15.06 13.74
N SER A 117 -29.15 16.23 13.20
N SER A 117 -29.10 16.22 13.15
CA SER A 117 -28.21 17.29 12.79
CA SER A 117 -28.07 17.25 12.88
C SER A 117 -28.52 18.60 13.52
C SER A 117 -28.52 18.60 13.43
N ASN A 118 -27.58 19.54 13.48
CA ASN A 118 -27.73 20.83 14.19
C ASN A 118 -27.98 20.59 15.68
N LEU A 119 -27.27 19.64 16.29
CA LEU A 119 -27.47 19.34 17.73
C LEU A 119 -26.97 20.52 18.59
N GLY A 120 -25.99 21.29 18.11
CA GLY A 120 -25.51 22.51 18.78
C GLY A 120 -24.83 22.22 20.11
N LEU A 121 -24.34 21.00 20.29
CA LEU A 121 -23.71 20.62 21.58
C LEU A 121 -22.23 21.02 21.56
N ASP A 122 -21.76 21.57 22.68
CA ASP A 122 -20.35 22.06 22.78
C ASP A 122 -19.95 21.89 24.23
N SER A 123 -19.04 20.95 24.51
CA SER A 123 -18.58 20.66 25.87
C SER A 123 -17.10 20.97 25.98
N PRO A 124 -16.70 21.77 26.98
CA PRO A 124 -15.30 22.12 27.17
C PRO A 124 -14.51 20.98 27.82
N ILE A 125 -13.21 20.96 27.58
CA ILE A 125 -12.32 19.92 28.18
C ILE A 125 -12.47 19.92 29.71
N ALA A 126 -12.66 21.08 30.35
CA ALA A 126 -12.64 21.18 31.83
C ALA A 126 -13.78 20.37 32.47
N GLN A 127 -14.85 20.07 31.73
CA GLN A 127 -15.99 19.30 32.30
C GLN A 127 -15.63 17.80 32.36
N GLY A 128 -14.55 17.41 31.69
CA GLY A 128 -14.15 15.99 31.67
C GLY A 128 -15.31 15.09 31.27
N ARG A 129 -15.42 13.95 31.93
CA ARG A 129 -16.42 12.91 31.52
C ARG A 129 -17.84 13.33 31.94
N ASP A 130 -18.00 14.49 32.60
CA ASP A 130 -19.34 15.02 32.97
C ASP A 130 -19.90 15.86 31.82
N GLY A 131 -19.10 16.15 30.79
CA GLY A 131 -19.57 16.92 29.64
C GLY A 131 -20.72 16.22 28.92
N THR A 132 -21.66 17.00 28.39
CA THR A 132 -22.81 16.45 27.66
C THR A 132 -22.33 15.69 26.41
N VAL A 133 -21.34 16.21 25.69
CA VAL A 133 -20.86 15.51 24.47
C VAL A 133 -20.34 14.12 24.88
N HIS A 134 -19.51 14.06 25.90
CA HIS A 134 -18.97 12.78 26.41
C HIS A 134 -20.12 11.82 26.74
N LYS A 135 -21.08 12.27 27.53
CA LYS A 135 -22.18 11.39 27.98
C LYS A 135 -23.05 10.96 26.80
N VAL A 136 -23.33 11.85 25.87
CA VAL A 136 -24.17 11.48 24.69
C VAL A 136 -23.48 10.37 23.90
N VAL A 137 -22.22 10.57 23.54
CA VAL A 137 -21.52 9.61 22.66
C VAL A 137 -21.21 8.33 23.45
N TYR A 138 -20.79 8.42 24.70
CA TYR A 138 -20.47 7.20 25.46
C TYR A 138 -21.72 6.34 25.59
N GLY A 139 -22.88 6.97 25.73
CA GLY A 139 -24.13 6.20 25.80
C GLY A 139 -24.35 5.38 24.54
N LEU A 140 -23.97 5.89 23.39
CA LEU A 140 -24.08 5.15 22.11
C LEU A 140 -23.09 3.99 22.06
N MET A 141 -21.94 4.13 22.73
N MET A 141 -21.91 4.13 22.69
CA MET A 141 -20.89 3.10 22.75
CA MET A 141 -20.88 3.06 22.82
C MET A 141 -21.29 1.96 23.71
C MET A 141 -21.46 1.89 23.61
N SER A 142 -22.19 2.24 24.67
CA SER A 142 -22.36 1.38 25.86
C SER A 142 -23.83 0.92 26.05
N GLY A 143 -24.70 1.15 25.07
CA GLY A 143 -26.06 0.55 25.01
C GLY A 143 -27.07 1.34 25.83
N ASP A 144 -26.81 2.62 26.07
CA ASP A 144 -27.77 3.47 26.80
C ASP A 144 -27.85 4.84 26.14
N SER A 145 -28.88 5.10 25.36
CA SER A 145 -28.97 6.39 24.62
C SER A 145 -29.80 7.42 25.39
N SER A 146 -29.98 7.23 26.69
N SER A 146 -29.95 7.26 26.71
CA SER A 146 -30.73 8.19 27.56
CA SER A 146 -30.76 8.20 27.53
C SER A 146 -30.24 9.63 27.32
C SER A 146 -30.25 9.64 27.37
N ALA A 147 -28.94 9.87 27.34
CA ALA A 147 -28.41 11.26 27.21
C ALA A 147 -28.79 11.83 25.85
N LEU A 148 -28.58 11.08 24.78
CA LEU A 148 -28.97 11.54 23.42
C LEU A 148 -30.47 11.81 23.40
N GLN A 149 -31.26 10.86 23.90
CA GLN A 149 -32.73 11.01 23.90
C GLN A 149 -33.11 12.34 24.59
N GLY A 150 -32.49 12.65 25.71
CA GLY A 150 -32.83 13.87 26.45
C GLY A 150 -32.46 15.12 25.68
N GLN A 151 -31.32 15.11 25.00
CA GLN A 151 -30.91 16.29 24.21
C GLN A 151 -31.86 16.46 23.03
N ILE A 152 -32.22 15.38 22.36
CA ILE A 152 -33.15 15.49 21.20
C ILE A 152 -34.51 15.99 21.71
N ASP A 153 -35.00 15.43 22.82
CA ASP A 153 -36.32 15.83 23.37
C ASP A 153 -36.27 17.36 23.60
N ALA A 154 -35.19 17.86 24.23
CA ALA A 154 -35.07 19.30 24.54
C ALA A 154 -35.05 20.15 23.25
N LEU A 155 -34.29 19.72 22.24
CA LEU A 155 -34.19 20.48 20.97
C LEU A 155 -35.55 20.52 20.26
N LEU A 156 -36.31 19.41 20.31
CA LEU A 156 -37.64 19.35 19.67
C LEU A 156 -38.61 20.31 20.35
N LYS A 157 -38.69 20.26 21.68
CA LYS A 157 -39.60 21.16 22.45
C LYS A 157 -39.19 22.62 22.18
N ALA A 158 -37.92 22.88 21.89
CA ALA A 158 -37.42 24.24 21.60
C ALA A 158 -37.90 24.75 20.23
N VAL A 159 -38.09 23.86 19.26
CA VAL A 159 -38.70 24.20 17.94
C VAL A 159 -40.18 24.52 18.17
N ASP A 160 -40.85 23.65 18.91
CA ASP A 160 -42.29 23.84 19.19
C ASP A 160 -42.68 22.96 20.38
N PRO A 161 -43.37 23.53 21.38
CA PRO A 161 -43.65 22.79 22.62
C PRO A 161 -44.54 21.56 22.42
N SER A 162 -45.19 21.41 21.26
CA SER A 162 -46.05 20.24 20.95
C SER A 162 -45.17 19.05 20.53
N LEU A 163 -43.88 19.26 20.30
CA LEU A 163 -43.02 18.17 19.76
C LEU A 163 -42.23 17.50 20.88
N SER A 164 -41.97 16.21 20.76
CA SER A 164 -41.12 15.50 21.74
C SER A 164 -40.55 14.26 21.08
N ILE A 165 -39.71 13.53 21.81
CA ILE A 165 -39.23 12.22 21.30
C ILE A 165 -40.37 11.19 21.25
N ASN A 166 -41.54 11.50 21.77
CA ASN A 166 -42.72 10.61 21.66
C ASN A 166 -43.51 10.90 20.38
N SER A 167 -43.12 11.93 19.64
CA SER A 167 -43.62 12.18 18.26
C SER A 167 -43.09 11.09 17.32
N THR A 168 -43.87 10.73 16.32
CA THR A 168 -43.40 9.84 15.25
C THR A 168 -42.57 10.66 14.27
N PHE A 169 -41.71 9.99 13.52
CA PHE A 169 -40.92 10.67 12.46
C PHE A 169 -41.86 11.41 11.51
N ASP A 170 -42.99 10.79 11.15
N ASP A 170 -42.98 10.78 11.15
CA ASP A 170 -43.95 11.42 10.19
CA ASP A 170 -43.99 11.38 10.23
C ASP A 170 -44.54 12.69 10.85
C ASP A 170 -44.51 12.68 10.85
N GLN A 171 -44.85 12.66 12.14
CA GLN A 171 -45.31 13.89 12.84
C GLN A 171 -44.22 14.98 12.81
N LEU A 172 -42.98 14.60 13.01
CA LEU A 172 -41.88 15.59 13.00
C LEU A 172 -41.66 16.11 11.57
N ALA A 173 -41.92 15.31 10.53
CA ALA A 173 -41.88 15.77 9.13
C ALA A 173 -42.98 16.81 8.87
N ALA A 174 -44.17 16.55 9.36
CA ALA A 174 -45.31 17.48 9.20
C ALA A 174 -44.96 18.80 9.87
N ALA A 175 -44.16 18.77 10.96
CA ALA A 175 -43.79 19.96 11.73
C ALA A 175 -42.56 20.65 11.11
N GLY A 176 -42.00 20.09 10.04
CA GLY A 176 -40.91 20.72 9.27
C GLY A 176 -39.52 20.43 9.82
N VAL A 177 -39.40 19.52 10.79
CA VAL A 177 -38.13 19.21 11.47
C VAL A 177 -37.44 18.01 10.80
N ALA A 178 -38.22 17.05 10.35
CA ALA A 178 -37.71 15.76 9.85
C ALA A 178 -37.97 15.62 8.36
N HIS A 179 -37.17 14.77 7.72
CA HIS A 179 -37.11 14.61 6.25
C HIS A 179 -36.89 13.13 5.96
N ALA A 180 -37.73 12.55 5.13
CA ALA A 180 -37.67 11.12 4.80
C ALA A 180 -36.55 10.87 3.77
N THR A 181 -35.81 9.80 3.98
CA THR A 181 -34.75 9.33 3.06
C THR A 181 -35.11 7.95 2.57
N PRO A 182 -34.43 7.46 1.52
CA PRO A 182 -34.80 6.17 0.94
C PRO A 182 -34.60 5.01 1.89
N ALA A 183 -35.54 4.07 1.80
CA ALA A 183 -35.52 2.79 2.51
C ALA A 183 -34.39 1.90 1.96
N ALA A 184 -33.78 1.12 2.85
CA ALA A 184 -32.90 -0.01 2.53
C ALA A 184 -33.74 -1.13 1.94
N SER B 2 20.89 -18.78 14.89
CA SER B 2 21.43 -17.97 13.83
C SER B 2 20.27 -17.38 13.03
N ILE B 3 20.52 -16.23 12.43
CA ILE B 3 19.57 -15.60 11.48
C ILE B 3 19.04 -16.67 10.51
N SER B 4 17.74 -16.61 10.23
CA SER B 4 17.05 -17.50 9.27
C SER B 4 16.28 -16.63 8.29
N ILE B 5 16.48 -16.89 7.01
CA ILE B 5 15.84 -16.09 5.93
C ILE B 5 14.91 -16.97 5.10
N SER B 6 13.73 -16.46 4.84
N SER B 6 13.74 -16.45 4.78
CA SER B 6 12.79 -17.07 3.86
CA SER B 6 12.74 -17.11 3.89
C SER B 6 12.74 -16.17 2.64
C SER B 6 12.51 -16.23 2.67
N TYR B 7 12.67 -16.75 1.46
CA TYR B 7 12.53 -15.94 0.23
C TYR B 7 11.74 -16.73 -0.80
N SER B 8 10.86 -16.03 -1.50
N SER B 8 10.85 -16.02 -1.49
CA SER B 8 10.20 -16.58 -2.70
CA SER B 8 10.23 -16.49 -2.75
C SER B 8 11.26 -16.85 -3.78
C SER B 8 11.34 -16.89 -3.73
N THR B 9 11.16 -17.99 -4.48
CA THR B 9 12.20 -18.44 -5.46
C THR B 9 12.46 -17.36 -6.52
N THR B 10 11.53 -16.42 -6.79
N THR B 10 11.48 -16.48 -6.73
CA THR B 10 11.79 -15.38 -7.82
CA THR B 10 11.55 -15.28 -7.60
C THR B 10 12.97 -14.50 -7.38
C THR B 10 12.87 -14.54 -7.34
N TYR B 11 13.29 -14.42 -6.08
CA TYR B 11 14.39 -13.54 -5.64
C TYR B 11 15.71 -14.29 -5.52
N SER B 12 15.77 -15.56 -5.94
CA SER B 12 16.96 -16.45 -5.82
C SER B 12 18.22 -15.68 -6.21
N GLY B 13 18.21 -14.99 -7.35
CA GLY B 13 19.44 -14.37 -7.87
C GLY B 13 19.65 -12.95 -7.40
N TRP B 14 18.77 -12.42 -6.56
CA TRP B 14 18.91 -11.03 -6.06
C TRP B 14 19.88 -11.01 -4.88
N THR B 15 20.66 -9.96 -4.74
CA THR B 15 21.35 -9.68 -3.46
C THR B 15 20.33 -9.18 -2.44
N VAL B 16 20.58 -9.47 -1.19
CA VAL B 16 19.71 -8.95 -0.11
C VAL B 16 19.64 -7.42 -0.21
N ALA B 17 20.77 -6.76 -0.43
CA ALA B 17 20.83 -5.29 -0.54
C ALA B 17 19.93 -4.82 -1.67
N ASP B 18 20.01 -5.46 -2.84
CA ASP B 18 19.22 -5.01 -4.02
C ASP B 18 17.72 -5.22 -3.73
N TYR B 19 17.37 -6.34 -3.10
CA TYR B 19 15.95 -6.60 -2.76
C TYR B 19 15.48 -5.49 -1.81
N LEU B 20 16.21 -5.23 -0.72
CA LEU B 20 15.76 -4.22 0.28
C LEU B 20 15.68 -2.84 -0.36
N ALA B 21 16.61 -2.47 -1.24
CA ALA B 21 16.56 -1.14 -1.91
C ALA B 21 15.31 -1.07 -2.77
N ASP B 22 14.96 -2.14 -3.48
CA ASP B 22 13.78 -2.12 -4.39
C ASP B 22 12.52 -2.09 -3.52
N TRP B 23 12.48 -2.87 -2.45
CA TRP B 23 11.30 -2.88 -1.56
C TRP B 23 11.09 -1.48 -0.96
N SER B 24 12.15 -0.86 -0.48
CA SER B 24 12.08 0.48 0.15
C SER B 24 11.54 1.49 -0.86
N ALA B 25 11.92 1.36 -2.14
CA ALA B 25 11.46 2.29 -3.20
C ALA B 25 9.95 2.09 -3.45
N TYR B 26 9.47 0.86 -3.47
N TYR B 26 9.52 0.84 -3.42
CA TYR B 26 8.01 0.59 -3.67
CA TYR B 26 8.11 0.39 -3.65
C TYR B 26 7.22 1.04 -2.45
C TYR B 26 7.22 0.86 -2.49
N PHE B 27 7.70 0.76 -1.25
CA PHE B 27 6.96 1.17 -0.04
C PHE B 27 6.95 2.68 0.08
N GLY B 28 8.10 3.31 -0.12
CA GLY B 28 8.26 4.76 0.01
C GLY B 28 8.21 5.25 1.45
N ASP B 29 7.94 6.53 1.62
CA ASP B 29 7.92 7.21 2.93
C ASP B 29 6.46 7.53 3.24
N VAL B 30 5.86 6.87 4.24
CA VAL B 30 4.42 7.08 4.56
C VAL B 30 4.20 8.40 5.32
N ASN B 31 5.27 9.10 5.69
N ASN B 31 5.26 9.13 5.65
CA ASN B 31 5.22 10.46 6.30
CA ASN B 31 5.16 10.45 6.31
C ASN B 31 4.50 10.41 7.66
C ASN B 31 4.39 10.33 7.62
N HIS B 32 4.82 9.40 8.46
CA HIS B 32 4.33 9.29 9.86
C HIS B 32 5.13 10.26 10.71
N ARG B 33 4.62 11.49 10.86
CA ARG B 33 5.30 12.58 11.59
C ARG B 33 4.22 13.49 12.14
N PRO B 34 4.52 14.37 13.12
CA PRO B 34 3.50 15.30 13.61
C PRO B 34 2.79 16.04 12.46
N GLY B 35 1.47 16.13 12.58
CA GLY B 35 0.59 16.83 11.64
C GLY B 35 0.26 15.98 10.42
N GLN B 36 0.90 14.83 10.24
CA GLN B 36 0.71 14.02 9.00
C GLN B 36 0.25 12.59 9.35
N VAL B 37 0.03 12.28 10.62
CA VAL B 37 -0.49 10.95 11.01
C VAL B 37 -2.01 10.94 10.82
N VAL B 38 -2.49 9.96 10.06
CA VAL B 38 -3.92 9.79 9.73
C VAL B 38 -4.31 8.35 10.07
N ASP B 39 -5.28 8.23 10.98
CA ASP B 39 -5.74 6.91 11.49
C ASP B 39 -6.20 6.10 10.27
N GLY B 40 -5.66 4.89 10.12
CA GLY B 40 -6.07 3.94 9.07
C GLY B 40 -5.39 4.22 7.75
N SER B 41 -4.47 5.18 7.73
CA SER B 41 -3.69 5.53 6.53
C SER B 41 -2.20 5.22 6.80
N ASN B 42 -1.62 5.84 7.80
CA ASN B 42 -0.16 5.69 8.01
C ASN B 42 0.14 5.51 9.50
N THR B 43 -0.80 4.98 10.26
CA THR B 43 -0.52 4.63 11.68
C THR B 43 0.15 3.26 11.73
N GLY B 44 -0.26 2.36 10.87
CA GLY B 44 -0.01 0.93 11.10
C GLY B 44 -0.87 0.44 12.25
N GLY B 45 -0.62 -0.78 12.67
CA GLY B 45 -1.40 -1.39 13.77
C GLY B 45 -0.60 -2.42 14.49
N PHE B 46 -0.94 -2.63 15.75
CA PHE B 46 -0.36 -3.67 16.62
C PHE B 46 -1.34 -4.81 16.79
N ASN B 47 -0.79 -5.99 16.92
CA ASN B 47 -1.54 -7.18 17.37
C ASN B 47 -0.96 -7.62 18.69
N PRO B 48 -1.74 -7.56 19.80
CA PRO B 48 -3.14 -7.15 19.79
C PRO B 48 -3.46 -5.65 19.87
N GLY B 49 -2.46 -4.86 20.26
CA GLY B 49 -2.62 -3.41 20.37
C GLY B 49 -3.41 -3.08 21.63
N PRO B 50 -3.79 -1.81 21.77
CA PRO B 50 -3.59 -0.79 20.73
C PRO B 50 -2.14 -0.27 20.58
N PHE B 51 -1.31 -0.37 21.61
CA PHE B 51 0.01 0.33 21.64
C PHE B 51 1.16 -0.66 21.84
N ASP B 52 0.84 -1.95 21.89
CA ASP B 52 1.82 -2.99 22.22
C ASP B 52 1.41 -4.23 21.45
N GLY B 53 2.38 -5.05 21.08
CA GLY B 53 1.97 -6.35 20.55
C GLY B 53 3.13 -7.23 20.13
N SER B 54 2.77 -8.42 19.74
CA SER B 54 3.71 -9.39 19.14
C SER B 54 4.00 -9.02 17.68
N GLN B 55 3.16 -8.18 17.07
CA GLN B 55 3.36 -7.72 15.68
C GLN B 55 3.00 -6.25 15.58
N TYR B 56 3.76 -5.56 14.76
CA TYR B 56 3.41 -4.22 14.24
C TYR B 56 3.47 -4.30 12.72
N ALA B 57 2.39 -3.90 12.05
CA ALA B 57 2.24 -4.05 10.59
C ALA B 57 1.78 -2.75 9.95
N LEU B 58 2.26 -2.49 8.74
CA LEU B 58 1.87 -1.29 7.99
C LEU B 58 1.91 -1.56 6.49
N LYS B 59 0.83 -1.18 5.80
CA LYS B 59 0.74 -1.11 4.33
C LYS B 59 1.18 0.29 3.87
N SER B 60 1.94 0.33 2.79
CA SER B 60 2.34 1.57 2.09
C SER B 60 1.09 2.34 1.67
N THR B 61 1.21 3.66 1.61
CA THR B 61 0.18 4.55 1.02
C THR B 61 0.44 4.75 -0.47
N ALA B 62 1.59 4.32 -1.00
CA ALA B 62 2.01 4.57 -2.40
C ALA B 62 1.78 3.31 -3.24
N SER B 63 1.80 2.13 -2.62
CA SER B 63 1.72 0.82 -3.30
C SER B 63 1.03 -0.21 -2.39
N ASP B 64 1.02 -1.48 -2.79
CA ASP B 64 0.43 -2.58 -1.99
C ASP B 64 1.53 -3.20 -1.12
N ALA B 65 2.73 -2.63 -1.13
CA ALA B 65 3.86 -3.09 -0.29
C ALA B 65 3.47 -2.98 1.18
N ALA B 66 3.93 -3.93 1.97
CA ALA B 66 3.65 -3.94 3.41
C ALA B 66 4.78 -4.66 4.14
N PHE B 67 4.92 -4.36 5.42
CA PHE B 67 5.85 -5.11 6.28
C PHE B 67 5.15 -5.48 7.58
N ILE B 68 5.72 -6.49 8.23
CA ILE B 68 5.33 -6.86 9.61
C ILE B 68 6.61 -7.04 10.43
N ALA B 69 6.65 -6.35 11.56
CA ALA B 69 7.69 -6.50 12.58
C ALA B 69 7.15 -7.44 13.66
N GLY B 70 7.89 -8.49 14.00
CA GLY B 70 7.44 -9.49 14.98
C GLY B 70 8.38 -9.58 16.16
N GLY B 71 7.81 -9.73 17.35
CA GLY B 71 8.58 -9.94 18.57
C GLY B 71 7.74 -9.64 19.80
N ASP B 72 8.23 -8.73 20.63
CA ASP B 72 7.54 -8.27 21.86
C ASP B 72 7.77 -6.76 21.89
N LEU B 73 6.84 -6.04 21.25
CA LEU B 73 7.07 -4.63 20.85
C LEU B 73 6.14 -3.71 21.62
N HIS B 74 6.65 -2.52 21.89
CA HIS B 74 5.97 -1.50 22.71
C HIS B 74 6.18 -0.14 22.06
N TYR B 75 5.11 0.65 21.98
CA TYR B 75 5.21 2.05 21.53
C TYR B 75 4.90 2.95 22.71
N THR B 76 5.80 3.91 22.94
CA THR B 76 5.67 4.78 24.13
C THR B 76 4.60 5.86 23.90
N LEU B 77 4.24 6.13 22.65
CA LEU B 77 3.27 7.21 22.28
C LEU B 77 3.75 8.52 22.92
N PHE B 78 3.03 9.07 23.89
CA PHE B 78 3.38 10.42 24.44
C PHE B 78 4.41 10.30 25.57
N SER B 79 4.56 9.11 26.15
CA SER B 79 5.34 8.87 27.39
C SER B 79 6.84 8.96 27.08
N ASN B 80 7.60 9.52 28.01
CA ASN B 80 9.07 9.70 27.83
C ASN B 80 9.72 8.33 27.76
N PRO B 81 10.60 8.03 26.78
CA PRO B 81 10.92 8.89 25.65
C PRO B 81 9.88 8.76 24.52
N SER B 82 9.31 9.87 24.11
CA SER B 82 8.10 9.89 23.30
C SER B 82 8.34 9.22 21.94
N HIS B 83 7.30 8.63 21.42
CA HIS B 83 7.24 8.07 20.05
C HIS B 83 8.42 7.14 19.82
N THR B 84 8.64 6.21 20.75
CA THR B 84 9.70 5.19 20.65
C THR B 84 9.04 3.80 20.51
N LEU B 85 9.46 3.05 19.50
CA LEU B 85 9.18 1.60 19.40
C LEU B 85 10.36 0.85 20.01
N TRP B 86 10.11 0.07 21.05
CA TRP B 86 11.19 -0.63 21.77
C TRP B 86 10.74 -2.06 22.08
N GLY B 87 11.65 -2.85 22.65
CA GLY B 87 11.36 -4.24 23.01
C GLY B 87 12.15 -5.22 22.18
N LYS B 88 11.62 -6.40 21.99
CA LYS B 88 12.32 -7.50 21.27
C LYS B 88 11.84 -7.48 19.82
N LEU B 89 12.78 -7.44 18.89
CA LEU B 89 12.47 -7.63 17.45
C LEU B 89 13.11 -8.95 17.01
N ASP B 90 12.27 -9.92 16.76
CA ASP B 90 12.68 -11.26 16.31
C ASP B 90 12.65 -11.34 14.78
N SER B 91 11.71 -10.68 14.13
CA SER B 91 11.46 -10.93 12.68
C SER B 91 11.01 -9.68 11.96
N ILE B 92 11.31 -9.66 10.67
CA ILE B 92 10.77 -8.68 9.69
C ILE B 92 10.28 -9.49 8.51
N ALA B 93 9.03 -9.28 8.09
CA ALA B 93 8.43 -9.89 6.91
C ALA B 93 8.11 -8.78 5.90
N LEU B 94 8.56 -8.96 4.66
CA LEU B 94 8.37 -7.97 3.58
C LEU B 94 7.58 -8.60 2.44
N GLY B 95 6.65 -7.85 1.89
CA GLY B 95 5.94 -8.36 0.71
C GLY B 95 4.84 -7.41 0.34
N ASP B 96 3.70 -7.96 -0.04
N ASP B 96 3.72 -8.00 -0.11
CA ASP B 96 2.52 -7.13 -0.35
CA ASP B 96 2.49 -7.30 -0.60
C ASP B 96 1.27 -7.90 0.07
C ASP B 96 1.28 -7.90 0.14
N THR B 97 0.15 -7.19 0.16
CA THR B 97 -1.18 -7.76 0.48
C THR B 97 -1.22 -8.17 1.96
N LEU B 98 -1.11 -7.16 2.83
CA LEU B 98 -1.27 -7.34 4.29
C LEU B 98 -2.70 -7.81 4.60
N THR B 99 -2.83 -8.87 5.39
CA THR B 99 -4.12 -9.43 5.86
C THR B 99 -4.11 -9.53 7.38
N GLY B 100 -5.30 -9.53 7.99
CA GLY B 100 -5.49 -9.78 9.43
C GLY B 100 -5.57 -8.50 10.22
N GLY B 101 -5.30 -8.56 11.52
CA GLY B 101 -5.39 -7.37 12.39
C GLY B 101 -5.54 -7.72 13.84
N ALA B 102 -5.54 -6.70 14.70
CA ALA B 102 -5.65 -6.84 16.18
C ALA B 102 -6.77 -7.84 16.51
N SER B 103 -7.91 -7.73 15.82
CA SER B 103 -9.18 -8.41 16.19
C SER B 103 -9.16 -9.87 15.72
N SER B 104 -8.39 -10.22 14.68
CA SER B 104 -8.62 -11.47 13.91
C SER B 104 -7.43 -12.43 13.95
N GLY B 105 -6.59 -12.40 15.00
CA GLY B 105 -5.58 -13.46 15.25
C GLY B 105 -4.21 -13.07 14.72
N GLY B 106 -4.01 -11.81 14.39
CA GLY B 106 -2.70 -11.30 13.98
C GLY B 106 -2.64 -10.97 12.50
N TYR B 107 -1.44 -10.72 12.03
CA TYR B 107 -1.19 -10.24 10.66
C TYR B 107 -0.40 -11.28 9.89
N ALA B 108 -0.61 -11.33 8.58
CA ALA B 108 0.23 -12.13 7.67
C ALA B 108 0.21 -11.45 6.31
N LEU B 109 1.29 -11.61 5.58
CA LEU B 109 1.35 -11.14 4.18
C LEU B 109 0.85 -12.28 3.29
N ASP B 110 -0.17 -11.98 2.52
CA ASP B 110 -0.72 -12.94 1.53
C ASP B 110 0.34 -13.19 0.45
N SER B 111 1.14 -12.17 0.09
CA SER B 111 2.31 -12.36 -0.79
C SER B 111 3.57 -12.01 -0.02
N GLN B 112 4.03 -12.93 0.82
CA GLN B 112 5.30 -12.76 1.54
C GLN B 112 6.43 -13.03 0.56
N GLU B 113 7.29 -12.05 0.36
CA GLU B 113 8.44 -12.14 -0.57
C GLU B 113 9.71 -12.57 0.18
N VAL B 114 10.05 -11.88 1.24
CA VAL B 114 11.32 -12.11 1.98
C VAL B 114 11.03 -11.92 3.47
N SER B 115 11.61 -12.75 4.31
CA SER B 115 11.54 -12.54 5.77
C SER B 115 12.88 -12.87 6.40
N PHE B 116 13.11 -12.23 7.52
CA PHE B 116 14.33 -12.38 8.34
C PHE B 116 13.85 -12.71 9.73
N SER B 117 14.26 -13.86 10.25
CA SER B 117 13.89 -14.35 11.59
C SER B 117 15.13 -14.57 12.45
N ASN B 118 14.91 -14.72 13.76
CA ASN B 118 16.02 -14.90 14.75
C ASN B 118 16.94 -13.68 14.66
N LEU B 119 16.38 -12.48 14.55
CA LEU B 119 17.19 -11.26 14.50
C LEU B 119 17.88 -11.01 15.84
N GLY B 120 17.26 -11.44 16.94
CA GLY B 120 17.88 -11.34 18.27
C GLY B 120 18.08 -9.91 18.72
N LEU B 121 17.29 -8.97 18.20
CA LEU B 121 17.40 -7.55 18.61
C LEU B 121 16.54 -7.26 19.84
N ASP B 122 17.10 -6.51 20.77
CA ASP B 122 16.38 -6.20 22.04
C ASP B 122 16.83 -4.81 22.49
N SER B 123 15.95 -3.83 22.36
CA SER B 123 16.27 -2.42 22.67
C SER B 123 15.45 -2.02 23.89
N PRO B 124 16.12 -1.50 24.93
CA PRO B 124 15.43 -1.05 26.12
C PRO B 124 14.78 0.32 25.91
N ILE B 125 13.74 0.59 26.69
CA ILE B 125 13.00 1.86 26.59
C ILE B 125 13.95 3.05 26.78
N ALA B 126 14.98 2.94 27.63
CA ALA B 126 15.84 4.10 27.97
C ALA B 126 16.61 4.63 26.74
N GLN B 127 16.83 3.82 25.70
CA GLN B 127 17.58 4.29 24.50
C GLN B 127 16.67 5.17 23.64
N GLY B 128 15.36 5.16 23.91
CA GLY B 128 14.44 5.97 23.10
C GLY B 128 14.63 5.68 21.62
N ARG B 129 14.57 6.72 20.79
CA ARG B 129 14.59 6.59 19.32
C ARG B 129 16.01 6.26 18.81
N ASP B 130 16.99 6.19 19.70
CA ASP B 130 18.36 5.74 19.33
C ASP B 130 18.43 4.22 19.39
N GLY B 131 17.40 3.55 19.90
CA GLY B 131 17.44 2.09 20.01
C GLY B 131 17.49 1.43 18.64
N THR B 132 18.20 0.32 18.52
CA THR B 132 18.34 -0.36 17.22
C THR B 132 16.96 -0.80 16.72
N VAL B 133 16.11 -1.32 17.59
CA VAL B 133 14.76 -1.76 17.18
C VAL B 133 14.01 -0.59 16.54
N HIS B 134 13.97 0.56 17.20
CA HIS B 134 13.28 1.75 16.66
C HIS B 134 13.85 2.12 15.28
N LYS B 135 15.16 2.19 15.16
CA LYS B 135 15.79 2.67 13.90
C LYS B 135 15.53 1.64 12.79
N VAL B 136 15.66 0.35 13.10
CA VAL B 136 15.45 -0.69 12.06
C VAL B 136 14.03 -0.52 11.53
N VAL B 137 13.04 -0.51 12.41
CA VAL B 137 11.64 -0.56 11.93
C VAL B 137 11.22 0.79 11.35
N TYR B 138 11.69 1.89 11.93
CA TYR B 138 11.28 3.22 11.43
C TYR B 138 11.84 3.42 10.01
N GLY B 139 12.98 2.81 9.69
CA GLY B 139 13.51 2.86 8.32
C GLY B 139 12.55 2.27 7.30
N LEU B 140 11.78 1.25 7.69
CA LEU B 140 10.81 0.62 6.80
C LEU B 140 9.59 1.51 6.60
N MET B 141 9.32 2.41 7.56
N MET B 141 9.37 2.43 7.55
CA MET B 141 8.22 3.42 7.50
CA MET B 141 8.22 3.37 7.54
C MET B 141 8.58 4.50 6.48
C MET B 141 8.57 4.61 6.70
N SER B 142 9.86 4.84 6.42
CA SER B 142 10.35 6.16 5.98
C SER B 142 11.17 6.06 4.70
N GLY B 143 11.24 4.88 4.07
CA GLY B 143 11.83 4.73 2.73
C GLY B 143 13.34 4.54 2.76
N ASP B 144 13.92 4.23 3.93
CA ASP B 144 15.38 4.01 4.07
C ASP B 144 15.62 2.77 4.92
N SER B 145 15.96 1.64 4.30
CA SER B 145 16.17 0.36 5.03
C SER B 145 17.63 0.16 5.44
N SER B 146 18.43 1.23 5.46
N SER B 146 18.43 1.22 5.51
CA SER B 146 19.87 1.18 5.81
CA SER B 146 19.89 1.11 5.78
C SER B 146 20.08 0.45 7.14
C SER B 146 20.13 0.49 7.17
N ALA B 147 19.30 0.80 8.18
CA ALA B 147 19.52 0.25 9.53
C ALA B 147 19.27 -1.28 9.49
N LEU B 148 18.19 -1.72 8.85
CA LEU B 148 17.90 -3.16 8.77
C LEU B 148 19.05 -3.83 8.00
N GLN B 149 19.47 -3.22 6.89
CA GLN B 149 20.55 -3.79 6.07
C GLN B 149 21.79 -4.01 6.94
N GLY B 150 22.14 -3.03 7.75
CA GLY B 150 23.36 -3.11 8.60
C GLY B 150 23.25 -4.26 9.60
N GLN B 151 22.08 -4.46 10.19
CA GLN B 151 21.94 -5.52 11.20
C GLN B 151 21.99 -6.88 10.52
N ILE B 152 21.32 -7.02 9.37
CA ILE B 152 21.37 -8.31 8.61
C ILE B 152 22.83 -8.58 8.18
N ASP B 153 23.52 -7.58 7.65
CA ASP B 153 24.94 -7.75 7.23
C ASP B 153 25.75 -8.37 8.37
N ALA B 154 25.65 -7.82 9.57
CA ALA B 154 26.46 -8.28 10.73
C ALA B 154 26.07 -9.71 11.09
N LEU B 155 24.76 -10.02 11.10
CA LEU B 155 24.31 -11.38 11.45
C LEU B 155 24.87 -12.38 10.43
N LEU B 156 24.86 -12.03 9.14
CA LEU B 156 25.34 -12.95 8.09
C LEU B 156 26.85 -13.14 8.23
N LYS B 157 27.61 -12.06 8.42
CA LYS B 157 29.09 -12.15 8.55
C LYS B 157 29.46 -13.03 9.75
N ALA B 158 28.66 -13.02 10.82
CA ALA B 158 28.91 -13.87 11.99
C ALA B 158 28.77 -15.36 11.65
N VAL B 159 27.87 -15.72 10.73
CA VAL B 159 27.76 -17.11 10.23
C VAL B 159 29.04 -17.47 9.48
N ASP B 160 29.44 -16.62 8.54
CA ASP B 160 30.72 -16.80 7.81
C ASP B 160 31.01 -15.49 7.08
N PRO B 161 32.27 -15.03 7.08
CA PRO B 161 32.56 -13.73 6.48
C PRO B 161 32.39 -13.68 4.96
N SER B 162 32.22 -14.82 4.30
CA SER B 162 31.86 -14.89 2.86
C SER B 162 30.45 -14.38 2.63
N LEU B 163 29.64 -14.33 3.69
CA LEU B 163 28.21 -14.00 3.60
C LEU B 163 28.01 -12.55 4.02
N SER B 164 27.14 -11.82 3.33
CA SER B 164 26.90 -10.40 3.62
C SER B 164 25.59 -10.00 2.94
N ILE B 165 25.16 -8.75 3.13
N ILE B 165 25.20 -8.74 3.12
CA ILE B 165 23.98 -8.21 2.39
CA ILE B 165 24.02 -8.17 2.43
C ILE B 165 24.24 -8.28 0.88
C ILE B 165 24.28 -8.07 0.91
N ASN B 166 25.50 -8.40 0.44
CA ASN B 166 25.80 -8.44 -1.02
C ASN B 166 25.75 -9.88 -1.55
N SER B 167 25.51 -10.86 -0.67
CA SER B 167 25.20 -12.25 -1.07
C SER B 167 23.82 -12.30 -1.73
N THR B 168 23.65 -13.22 -2.66
CA THR B 168 22.33 -13.55 -3.22
C THR B 168 21.59 -14.49 -2.27
N PHE B 169 20.28 -14.53 -2.39
CA PHE B 169 19.45 -15.43 -1.57
C PHE B 169 19.89 -16.87 -1.84
N ASP B 170 20.19 -17.20 -3.09
CA ASP B 170 20.62 -18.58 -3.43
C ASP B 170 21.96 -18.89 -2.73
N GLN B 171 22.89 -17.94 -2.68
CA GLN B 171 24.20 -18.14 -1.97
C GLN B 171 23.94 -18.34 -0.48
N LEU B 172 23.00 -17.60 0.09
CA LEU B 172 22.68 -17.78 1.52
C LEU B 172 21.97 -19.13 1.74
N ALA B 173 21.20 -19.61 0.77
CA ALA B 173 20.57 -20.95 0.87
C ALA B 173 21.65 -22.04 0.82
N ALA B 174 22.66 -21.88 -0.05
CA ALA B 174 23.79 -22.83 -0.13
C ALA B 174 24.51 -22.91 1.21
N ALA B 175 24.57 -21.79 1.94
CA ALA B 175 25.24 -21.69 3.27
C ALA B 175 24.35 -22.19 4.41
N GLY B 176 23.09 -22.55 4.12
CA GLY B 176 22.16 -23.08 5.13
C GLY B 176 21.42 -22.00 5.92
N VAL B 177 21.56 -20.72 5.55
CA VAL B 177 20.94 -19.57 6.26
C VAL B 177 19.53 -19.30 5.71
N ALA B 178 19.38 -19.37 4.39
CA ALA B 178 18.15 -18.98 3.68
C ALA B 178 17.43 -20.22 3.13
N HIS B 179 16.12 -20.08 2.97
CA HIS B 179 15.19 -21.17 2.65
C HIS B 179 14.20 -20.67 1.60
N ALA B 180 14.22 -21.27 0.42
CA ALA B 180 13.34 -20.87 -0.69
C ALA B 180 11.92 -21.36 -0.42
N THR B 181 10.94 -20.56 -0.86
CA THR B 181 9.52 -20.96 -0.89
C THR B 181 8.99 -20.87 -2.31
N PRO B 182 7.99 -21.71 -2.66
CA PRO B 182 7.35 -21.66 -3.99
C PRO B 182 6.92 -20.27 -4.48
N MET C 1 1.62 -14.18 -35.69
CA MET C 1 1.09 -12.97 -36.38
C MET C 1 0.67 -11.93 -35.34
N SER C 2 0.81 -12.23 -34.04
CA SER C 2 0.65 -11.22 -32.96
C SER C 2 1.75 -11.39 -31.89
N ILE C 3 1.82 -10.43 -30.97
CA ILE C 3 2.91 -10.39 -29.96
C ILE C 3 3.04 -11.76 -29.28
N SER C 4 4.28 -12.22 -29.18
CA SER C 4 4.64 -13.48 -28.49
C SER C 4 5.67 -13.14 -27.42
N ILE C 5 5.46 -13.66 -26.22
CA ILE C 5 6.33 -13.38 -25.04
C ILE C 5 6.91 -14.71 -24.56
N SER C 6 8.22 -14.74 -24.38
N SER C 6 8.21 -14.72 -24.29
CA SER C 6 8.92 -15.79 -23.63
CA SER C 6 8.94 -15.85 -23.67
C SER C 6 9.34 -15.17 -22.29
C SER C 6 9.58 -15.34 -22.37
N TYR C 7 9.25 -15.96 -21.23
CA TYR C 7 9.71 -15.52 -19.90
C TYR C 7 10.24 -16.71 -19.14
N SER C 8 11.33 -16.48 -18.43
CA SER C 8 11.79 -17.40 -17.38
C SER C 8 10.70 -17.54 -16.32
N THR C 9 10.46 -18.77 -15.83
N THR C 9 10.46 -18.77 -15.83
CA THR C 9 9.43 -19.05 -14.81
CA THR C 9 9.43 -19.05 -14.81
C THR C 9 9.70 -18.19 -13.56
C THR C 9 9.71 -18.23 -13.54
N THR C 10 10.95 -17.74 -13.38
CA THR C 10 11.35 -16.75 -12.36
C THR C 10 10.33 -15.60 -12.32
N TYR C 11 9.80 -15.19 -13.48
CA TYR C 11 8.98 -13.96 -13.59
C TYR C 11 7.47 -14.25 -13.66
N SER C 12 7.06 -15.49 -13.43
N SER C 12 7.06 -15.49 -13.40
CA SER C 12 5.65 -15.94 -13.55
CA SER C 12 5.66 -15.95 -13.58
C SER C 12 4.70 -14.93 -12.89
C SER C 12 4.69 -15.01 -12.87
N GLY C 13 5.01 -14.54 -11.65
CA GLY C 13 4.08 -13.74 -10.83
C GLY C 13 4.21 -12.25 -11.04
N TRP C 14 5.18 -11.80 -11.86
CA TRP C 14 5.40 -10.35 -12.13
C TRP C 14 4.39 -9.85 -13.18
N THR C 15 3.91 -8.62 -13.03
CA THR C 15 3.26 -7.89 -14.13
C THR C 15 4.33 -7.41 -15.10
N VAL C 16 3.94 -7.28 -16.35
CA VAL C 16 4.88 -6.80 -17.38
C VAL C 16 5.35 -5.40 -16.98
N ALA C 17 4.44 -4.54 -16.53
CA ALA C 17 4.79 -3.15 -16.13
C ALA C 17 5.84 -3.16 -15.00
N ASP C 18 5.65 -3.98 -13.98
CA ASP C 18 6.58 -3.97 -12.82
C ASP C 18 7.95 -4.50 -13.30
N TYR C 19 7.95 -5.54 -14.13
CA TYR C 19 9.20 -6.12 -14.65
C TYR C 19 9.96 -5.06 -15.44
N LEU C 20 9.30 -4.39 -16.36
CA LEU C 20 9.98 -3.40 -17.23
C LEU C 20 10.44 -2.19 -16.40
N ALA C 21 9.65 -1.72 -15.43
CA ALA C 21 10.05 -0.56 -14.61
C ALA C 21 11.33 -0.92 -13.84
N ASP C 22 11.36 -2.09 -13.24
CA ASP C 22 12.46 -2.52 -12.36
C ASP C 22 13.68 -2.86 -13.23
N TRP C 23 13.46 -3.48 -14.39
CA TRP C 23 14.56 -3.80 -15.32
C TRP C 23 15.24 -2.49 -15.77
N SER C 24 14.47 -1.48 -16.12
CA SER C 24 14.98 -0.14 -16.51
C SER C 24 15.81 0.47 -15.38
N ALA C 25 15.34 0.39 -14.16
CA ALA C 25 16.04 0.95 -12.97
C ALA C 25 17.39 0.22 -12.80
N TYR C 26 17.41 -1.09 -13.05
CA TYR C 26 18.59 -1.97 -12.88
C TYR C 26 19.61 -1.69 -14.00
N PHE C 27 19.12 -1.50 -15.22
CA PHE C 27 20.00 -1.23 -16.38
C PHE C 27 20.56 0.20 -16.24
N GLY C 28 19.72 1.14 -15.85
CA GLY C 28 20.10 2.54 -15.65
C GLY C 28 20.20 3.30 -16.96
N ASP C 29 21.00 4.35 -16.96
CA ASP C 29 21.19 5.28 -18.09
C ASP C 29 22.66 5.22 -18.49
N VAL C 30 22.96 4.76 -19.71
CA VAL C 30 24.37 4.62 -20.15
C VAL C 30 24.93 5.98 -20.57
N ASN C 31 24.12 7.03 -20.61
CA ASN C 31 24.57 8.41 -20.93
C ASN C 31 25.18 8.46 -22.33
N HIS C 32 24.49 7.89 -23.30
CA HIS C 32 24.84 8.00 -24.74
C HIS C 32 24.33 9.35 -25.24
N ARG C 33 25.14 10.39 -25.06
CA ARG C 33 24.78 11.78 -25.38
C ARG C 33 26.06 12.47 -25.84
N PRO C 34 25.94 13.61 -26.55
CA PRO C 34 27.12 14.26 -27.10
C PRO C 34 28.21 14.53 -26.05
N GLY C 35 29.43 14.13 -26.40
CA GLY C 35 30.66 14.25 -25.60
C GLY C 35 30.78 13.19 -24.52
N GLN C 36 29.83 12.26 -24.44
CA GLN C 36 29.83 11.18 -23.41
C GLN C 36 29.86 9.80 -24.06
N VAL C 37 29.93 9.72 -25.39
CA VAL C 37 29.90 8.41 -26.08
C VAL C 37 31.34 7.86 -26.13
N VAL C 38 31.53 6.66 -25.59
CA VAL C 38 32.84 5.94 -25.48
C VAL C 38 32.71 4.56 -26.13
N ASP C 39 33.52 4.29 -27.15
CA ASP C 39 33.44 3.05 -27.96
C ASP C 39 33.59 1.86 -27.02
N GLY C 40 32.69 0.87 -27.11
CA GLY C 40 32.76 -0.37 -26.33
C GLY C 40 32.37 -0.17 -24.87
N SER C 41 31.97 1.06 -24.49
CA SER C 41 31.41 1.35 -23.14
C SER C 41 29.92 1.63 -23.22
N ASN C 42 29.51 2.60 -24.04
CA ASN C 42 28.07 2.95 -24.10
C ASN C 42 27.64 3.20 -25.55
N THR C 43 28.30 2.60 -26.53
CA THR C 43 27.84 2.67 -27.95
C THR C 43 26.75 1.63 -28.20
N GLY C 44 26.89 0.47 -27.59
CA GLY C 44 26.23 -0.74 -28.10
C GLY C 44 26.89 -1.20 -29.38
N GLY C 45 26.24 -2.13 -30.07
CA GLY C 45 26.80 -2.73 -31.29
C GLY C 45 25.69 -3.21 -32.20
N PHE C 46 25.94 -3.16 -33.50
CA PHE C 46 25.05 -3.75 -34.51
C PHE C 46 25.60 -5.09 -34.98
N ASN C 47 24.67 -5.97 -35.33
CA ASN C 47 24.99 -7.22 -36.01
C ASN C 47 24.20 -7.26 -37.30
N PRO C 48 24.84 -7.30 -38.49
CA PRO C 48 26.30 -7.37 -38.64
C PRO C 48 27.07 -6.06 -38.47
N GLY C 49 26.35 -4.95 -38.51
CA GLY C 49 26.98 -3.61 -38.46
C GLY C 49 27.64 -3.29 -39.78
N PRO C 50 28.38 -2.18 -39.87
CA PRO C 50 28.67 -1.34 -38.70
C PRO C 50 27.53 -0.46 -38.16
N PHE C 51 26.63 0.01 -39.04
CA PHE C 51 25.58 1.01 -38.68
C PHE C 51 24.19 0.47 -38.90
N ASP C 52 24.06 -0.81 -39.22
CA ASP C 52 22.79 -1.43 -39.64
C ASP C 52 22.83 -2.88 -39.19
N GLY C 53 21.67 -3.48 -38.96
CA GLY C 53 21.70 -4.93 -38.75
C GLY C 53 20.36 -5.49 -38.31
N SER C 54 20.36 -6.79 -38.15
CA SER C 54 19.23 -7.56 -37.61
C SER C 54 19.19 -7.44 -36.09
N GLN C 55 20.28 -7.01 -35.45
CA GLN C 55 20.30 -6.79 -33.98
C GLN C 55 21.06 -5.52 -33.66
N TYR C 56 20.60 -4.81 -32.64
CA TYR C 56 21.35 -3.77 -31.90
C TYR C 56 21.31 -4.18 -30.44
N ALA C 57 22.46 -4.28 -29.79
CA ALA C 57 22.60 -4.80 -28.43
C ALA C 57 23.43 -3.85 -27.59
N LEU C 58 23.11 -3.77 -26.32
CA LEU C 58 23.79 -2.85 -25.39
C LEU C 58 23.78 -3.46 -23.99
N LYS C 59 24.95 -3.43 -23.35
CA LYS C 59 25.16 -3.79 -21.94
C LYS C 59 25.09 -2.51 -21.10
N SER C 60 24.48 -2.64 -19.94
CA SER C 60 24.46 -1.60 -18.89
C SER C 60 25.90 -1.25 -18.50
N THR C 61 26.13 0.01 -18.14
CA THR C 61 27.41 0.41 -17.51
C THR C 61 27.30 0.35 -15.98
N ALA C 62 26.14 -0.01 -15.43
CA ALA C 62 25.87 -0.03 -13.97
C ALA C 62 25.72 -1.46 -13.45
N SER C 63 25.30 -2.39 -14.28
CA SER C 63 25.01 -3.81 -13.89
C SER C 63 25.34 -4.73 -15.07
N ASP C 64 25.06 -6.03 -14.89
CA ASP C 64 25.24 -7.04 -15.97
C ASP C 64 24.02 -7.05 -16.91
N ALA C 65 23.02 -6.20 -16.66
CA ALA C 65 21.81 -6.14 -17.51
C ALA C 65 22.23 -5.83 -18.95
N ALA C 66 21.47 -6.35 -19.90
CA ALA C 66 21.68 -6.07 -21.33
C ALA C 66 20.36 -6.28 -22.07
N PHE C 67 20.25 -5.63 -23.22
CA PHE C 67 19.10 -5.85 -24.11
C PHE C 67 19.61 -6.12 -25.51
N ILE C 68 18.79 -6.81 -26.27
CA ILE C 68 18.97 -7.02 -27.72
C ILE C 68 17.67 -6.61 -28.42
N ALA C 69 17.78 -5.59 -29.28
CA ALA C 69 16.72 -5.18 -30.22
C ALA C 69 16.91 -5.92 -31.53
N GLY C 70 15.86 -6.57 -32.00
CA GLY C 70 15.93 -7.38 -33.22
C GLY C 70 14.97 -6.86 -34.29
N GLY C 71 15.38 -6.94 -35.55
CA GLY C 71 14.52 -6.57 -36.68
C GLY C 71 15.35 -6.26 -37.89
N ASP C 72 15.18 -5.08 -38.42
CA ASP C 72 15.88 -4.55 -39.62
C ASP C 72 16.15 -3.10 -39.28
N LEU C 73 17.27 -2.86 -38.60
CA LEU C 73 17.52 -1.58 -37.90
C LEU C 73 18.65 -0.82 -38.58
N HIS C 74 18.56 0.50 -38.50
CA HIS C 74 19.45 1.43 -39.20
C HIS C 74 19.74 2.61 -38.27
N TYR C 75 20.99 3.01 -38.16
CA TYR C 75 21.37 4.25 -37.45
C TYR C 75 21.97 5.25 -38.43
N THR C 76 21.50 6.49 -38.37
CA THR C 76 21.91 7.52 -39.34
C THR C 76 23.27 8.15 -39.00
N LEU C 77 23.72 8.09 -37.74
CA LEU C 77 24.93 8.80 -37.26
C LEU C 77 24.81 10.28 -37.66
N PHE C 78 25.63 10.79 -38.58
CA PHE C 78 25.63 12.24 -38.94
C PHE C 78 24.71 12.53 -40.12
N SER C 79 24.21 11.49 -40.78
CA SER C 79 23.32 11.63 -41.95
C SER C 79 21.95 12.13 -41.49
N ASN C 80 21.26 12.86 -42.36
CA ASN C 80 20.04 13.56 -41.96
C ASN C 80 18.89 12.55 -42.03
N PRO C 81 18.00 12.44 -41.03
CA PRO C 81 18.07 13.20 -39.77
C PRO C 81 19.04 12.56 -38.78
N SER C 82 19.89 13.38 -38.17
CA SER C 82 21.05 12.90 -37.37
C SER C 82 20.60 12.04 -36.18
N HIS C 83 21.43 11.07 -35.86
CA HIS C 83 21.32 10.23 -34.65
C HIS C 83 19.92 9.63 -34.52
N THR C 84 19.44 9.02 -35.62
CA THR C 84 18.12 8.36 -35.66
C THR C 84 18.31 6.85 -35.81
N LEU C 85 17.68 6.07 -34.94
CA LEU C 85 17.54 4.61 -35.14
C LEU C 85 16.15 4.37 -35.72
N TRP C 86 16.12 3.78 -36.91
CA TRP C 86 14.85 3.56 -37.62
C TRP C 86 14.84 2.18 -38.26
N GLY C 87 13.70 1.84 -38.85
CA GLY C 87 13.54 0.52 -39.47
C GLY C 87 12.46 -0.29 -38.80
N LYS C 88 12.63 -1.59 -38.84
CA LYS C 88 11.66 -2.56 -38.30
C LYS C 88 12.20 -3.06 -36.95
N LEU C 89 11.39 -2.94 -35.92
CA LEU C 89 11.68 -3.53 -34.61
C LEU C 89 10.70 -4.66 -34.39
N ASP C 90 11.21 -5.87 -34.51
CA ASP C 90 10.40 -7.11 -34.37
C ASP C 90 10.48 -7.63 -32.93
N SER C 91 11.59 -7.41 -32.21
CA SER C 91 11.79 -8.10 -30.92
C SER C 91 12.63 -7.26 -29.96
N ILE C 92 12.38 -7.47 -28.68
CA ILE C 92 13.21 -6.94 -27.57
C ILE C 92 13.44 -8.10 -26.61
N ALA C 93 14.70 -8.44 -26.38
CA ALA C 93 15.13 -9.46 -25.40
C ALA C 93 15.84 -8.74 -24.26
N LEU C 94 15.47 -9.06 -23.04
CA LEU C 94 15.98 -8.44 -21.81
C LEU C 94 16.55 -9.55 -20.92
N GLY C 95 17.69 -9.27 -20.31
CA GLY C 95 18.26 -10.21 -19.35
C GLY C 95 19.61 -9.75 -18.89
N ASP C 96 20.45 -10.70 -18.53
CA ASP C 96 21.80 -10.48 -17.98
C ASP C 96 22.80 -11.13 -18.93
N THR C 97 23.99 -10.54 -19.01
CA THR C 97 25.22 -11.17 -19.55
C THR C 97 25.14 -11.27 -21.07
N LEU C 98 25.32 -10.13 -21.74
CA LEU C 98 25.44 -10.10 -23.21
C LEU C 98 26.68 -10.86 -23.66
N THR C 99 26.49 -11.68 -24.69
CA THR C 99 27.59 -12.45 -25.32
C THR C 99 27.54 -12.28 -26.83
N GLY C 100 28.66 -12.52 -27.49
CA GLY C 100 28.76 -12.54 -28.95
C GLY C 100 29.14 -11.18 -29.52
N GLY C 101 28.74 -10.95 -30.75
CA GLY C 101 29.10 -9.79 -31.59
C GLY C 101 29.04 -10.21 -33.05
N ALA C 102 29.22 -9.26 -33.97
CA ALA C 102 29.13 -9.54 -35.41
C ALA C 102 30.06 -10.71 -35.77
N SER C 103 31.26 -10.80 -35.18
CA SER C 103 32.25 -11.82 -35.58
C SER C 103 31.81 -13.23 -35.20
N SER C 104 30.85 -13.40 -34.28
CA SER C 104 30.34 -14.75 -33.89
C SER C 104 28.83 -14.89 -34.28
N GLY C 105 28.40 -14.11 -35.26
CA GLY C 105 27.08 -14.25 -35.87
C GLY C 105 26.01 -13.49 -35.11
N GLY C 106 26.40 -12.68 -34.14
CA GLY C 106 25.46 -11.79 -33.47
C GLY C 106 25.45 -11.99 -31.98
N TYR C 107 24.37 -11.52 -31.37
CA TYR C 107 24.30 -11.35 -29.89
C TYR C 107 23.35 -12.36 -29.29
N ALA C 108 23.65 -12.79 -28.07
CA ALA C 108 22.73 -13.56 -27.23
C ALA C 108 22.88 -13.11 -25.78
N LEU C 109 21.87 -13.40 -24.99
CA LEU C 109 21.98 -13.20 -23.54
C LEU C 109 22.28 -14.56 -22.88
N ASP C 110 23.28 -14.61 -21.99
CA ASP C 110 23.60 -15.83 -21.23
C ASP C 110 22.42 -16.18 -20.32
N SER C 111 21.76 -15.15 -19.79
CA SER C 111 20.57 -15.29 -18.90
C SER C 111 19.44 -14.43 -19.46
N GLN C 112 18.73 -14.95 -20.45
CA GLN C 112 17.58 -14.23 -21.05
C GLN C 112 16.41 -14.37 -20.09
N GLU C 113 15.81 -13.25 -19.66
CA GLU C 113 14.71 -13.28 -18.67
C GLU C 113 13.37 -13.21 -19.39
N VAL C 114 13.23 -12.24 -20.30
CA VAL C 114 11.95 -11.94 -20.98
C VAL C 114 12.27 -11.54 -22.41
N SER C 115 11.48 -12.00 -23.36
CA SER C 115 11.57 -11.49 -24.73
C SER C 115 10.16 -11.20 -25.23
N PHE C 116 10.07 -10.14 -26.00
CA PHE C 116 8.84 -9.72 -26.67
C PHE C 116 9.11 -9.78 -28.16
N SER C 117 8.39 -10.61 -28.90
N SER C 117 8.36 -10.62 -28.87
CA SER C 117 8.63 -10.76 -30.34
CA SER C 117 8.57 -10.93 -30.29
C SER C 117 7.33 -10.63 -31.12
C SER C 117 7.33 -10.55 -31.11
N ASN C 118 7.49 -10.49 -32.44
CA ASN C 118 6.38 -10.18 -33.36
C ASN C 118 5.80 -8.81 -33.03
N LEU C 119 6.66 -7.83 -32.69
CA LEU C 119 6.19 -6.49 -32.28
C LEU C 119 5.61 -5.72 -33.48
N GLY C 120 6.13 -5.95 -34.67
CA GLY C 120 5.59 -5.36 -35.91
C GLY C 120 5.78 -3.86 -35.95
N LEU C 121 6.73 -3.30 -35.23
CA LEU C 121 6.94 -1.83 -35.24
C LEU C 121 7.81 -1.47 -36.45
N ASP C 122 7.48 -0.38 -37.13
CA ASP C 122 8.14 0.03 -38.38
C ASP C 122 8.10 1.56 -38.38
N SER C 123 9.27 2.16 -38.32
CA SER C 123 9.42 3.63 -38.32
C SER C 123 10.28 4.03 -39.51
N PRO C 124 9.77 4.94 -40.36
CA PRO C 124 10.55 5.44 -41.49
C PRO C 124 11.60 6.46 -41.06
N ILE C 125 12.64 6.57 -41.88
CA ILE C 125 13.76 7.51 -41.60
C ILE C 125 13.23 8.95 -41.47
N ALA C 126 12.16 9.32 -42.18
CA ALA C 126 11.71 10.72 -42.23
C ALA C 126 11.15 11.19 -40.87
N GLN C 127 10.73 10.27 -39.99
CA GLN C 127 10.23 10.65 -38.65
C GLN C 127 11.41 10.98 -37.71
N GLY C 128 12.63 10.70 -38.12
CA GLY C 128 13.79 10.98 -37.25
C GLY C 128 13.61 10.46 -35.85
N ARG C 129 14.05 11.24 -34.86
CA ARG C 129 14.09 10.80 -33.45
C ARG C 129 12.68 10.76 -32.88
N ASP C 130 11.67 11.16 -33.66
CA ASP C 130 10.24 11.09 -33.24
C ASP C 130 9.65 9.73 -33.61
N GLY C 131 10.38 8.88 -34.32
CA GLY C 131 9.91 7.54 -34.69
C GLY C 131 9.67 6.69 -33.46
N THR C 132 8.67 5.83 -33.49
CA THR C 132 8.37 4.91 -32.38
C THR C 132 9.57 3.99 -32.11
N VAL C 133 10.21 3.46 -33.15
CA VAL C 133 11.35 2.53 -32.97
C VAL C 133 12.45 3.26 -32.17
N HIS C 134 12.77 4.46 -32.59
CA HIS C 134 13.79 5.29 -31.94
C HIS C 134 13.43 5.47 -30.46
N LYS C 135 12.22 5.92 -30.21
CA LYS C 135 11.82 6.23 -28.81
C LYS C 135 11.81 4.98 -27.94
N VAL C 136 11.36 3.86 -28.47
CA VAL C 136 11.29 2.61 -27.68
C VAL C 136 12.71 2.23 -27.28
N VAL C 137 13.61 2.15 -28.25
CA VAL C 137 14.95 1.61 -27.96
C VAL C 137 15.75 2.66 -27.19
N TYR C 138 15.60 3.96 -27.48
CA TYR C 138 16.38 4.97 -26.73
C TYR C 138 15.95 4.95 -25.27
N GLY C 139 14.68 4.69 -25.01
CA GLY C 139 14.22 4.55 -23.61
C GLY C 139 15.01 3.50 -22.88
N LEU C 140 15.28 2.38 -23.52
CA LEU C 140 16.01 1.28 -22.84
C LEU C 140 17.45 1.69 -22.57
N MET C 141 18.01 2.52 -23.46
N MET C 141 18.00 2.55 -23.42
CA MET C 141 19.39 3.08 -23.33
CA MET C 141 19.40 3.00 -23.33
C MET C 141 19.46 3.90 -22.05
C MET C 141 19.52 4.03 -22.20
N SER C 142 18.41 4.68 -21.81
CA SER C 142 18.45 5.90 -20.97
C SER C 142 17.61 5.76 -19.69
N GLY C 143 17.25 4.54 -19.30
CA GLY C 143 16.64 4.26 -17.99
C GLY C 143 15.16 4.59 -17.92
N ASP C 144 14.46 4.66 -19.05
CA ASP C 144 13.00 4.95 -19.09
C ASP C 144 12.33 4.03 -20.11
N SER C 145 11.63 3.00 -19.66
CA SER C 145 10.99 2.02 -20.56
C SER C 145 9.52 2.37 -20.84
N SER C 146 9.09 3.60 -20.56
N SER C 146 9.10 3.61 -20.60
CA SER C 146 7.70 4.06 -20.83
CA SER C 146 7.67 4.01 -20.81
C SER C 146 7.29 3.74 -22.27
C SER C 146 7.25 3.83 -22.27
N ALA C 147 8.12 4.10 -23.24
CA ALA C 147 7.74 3.95 -24.66
C ALA C 147 7.51 2.47 -24.96
N LEU C 148 8.44 1.61 -24.55
CA LEU C 148 8.27 0.15 -24.74
C LEU C 148 6.99 -0.32 -24.03
N GLN C 149 6.77 0.12 -22.80
CA GLN C 149 5.57 -0.31 -22.03
C GLN C 149 4.30 0.06 -22.83
N GLY C 150 4.27 1.26 -23.39
CA GLY C 150 3.08 1.72 -24.14
C GLY C 150 2.83 0.85 -25.35
N GLN C 151 3.88 0.48 -26.08
CA GLN C 151 3.70 -0.32 -27.30
C GLN C 151 3.29 -1.75 -26.90
N ILE C 152 3.86 -2.32 -25.84
N ILE C 152 3.87 -2.31 -25.85
CA ILE C 152 3.44 -3.68 -25.42
CA ILE C 152 3.47 -3.67 -25.38
C ILE C 152 1.98 -3.62 -24.98
C ILE C 152 2.00 -3.62 -24.95
N ASP C 153 1.59 -2.58 -24.25
CA ASP C 153 0.18 -2.44 -23.79
C ASP C 153 -0.74 -2.41 -25.02
N ALA C 154 -0.38 -1.64 -26.04
CA ALA C 154 -1.21 -1.53 -27.27
C ALA C 154 -1.29 -2.91 -27.93
N LEU C 155 -0.18 -3.64 -28.01
CA LEU C 155 -0.20 -4.97 -28.69
C LEU C 155 -1.04 -5.97 -27.89
N LEU C 156 -0.95 -5.93 -26.56
CA LEU C 156 -1.71 -6.87 -25.73
C LEU C 156 -3.22 -6.59 -25.87
N LYS C 157 -3.61 -5.32 -25.87
CA LYS C 157 -5.03 -4.91 -25.97
C LYS C 157 -5.59 -5.37 -27.32
N ALA C 158 -4.74 -5.44 -28.35
CA ALA C 158 -5.14 -5.87 -29.70
C ALA C 158 -5.23 -7.39 -29.78
N VAL C 159 -4.63 -8.11 -28.83
CA VAL C 159 -4.72 -9.59 -28.79
C VAL C 159 -5.95 -10.04 -28.01
N ASP C 160 -6.24 -9.38 -26.90
CA ASP C 160 -7.30 -9.84 -25.97
C ASP C 160 -7.63 -8.68 -25.05
N PRO C 161 -8.89 -8.22 -25.01
CA PRO C 161 -9.22 -7.02 -24.26
C PRO C 161 -9.12 -7.19 -22.74
N SER C 162 -8.96 -8.41 -22.24
CA SER C 162 -8.71 -8.65 -20.80
C SER C 162 -7.21 -8.54 -20.47
N LEU C 163 -6.35 -8.36 -21.46
CA LEU C 163 -4.89 -8.30 -21.21
C LEU C 163 -4.37 -6.86 -21.26
N SER C 164 -3.31 -6.61 -20.53
CA SER C 164 -2.62 -5.30 -20.54
C SER C 164 -1.23 -5.47 -19.94
N ILE C 165 -0.46 -4.40 -19.87
CA ILE C 165 0.87 -4.49 -19.18
C ILE C 165 0.68 -4.72 -17.69
N ASN C 166 -0.54 -4.62 -17.15
CA ASN C 166 -0.76 -4.97 -15.72
C ASN C 166 -1.07 -6.46 -15.54
N SER C 167 -1.14 -7.22 -16.63
CA SER C 167 -1.22 -8.69 -16.59
C SER C 167 0.11 -9.25 -16.05
N THR C 168 0.05 -10.35 -15.31
CA THR C 168 1.25 -11.13 -14.96
C THR C 168 1.64 -11.99 -16.16
N PHE C 169 2.90 -12.40 -16.20
CA PHE C 169 3.36 -13.35 -17.23
C PHE C 169 2.54 -14.63 -17.19
N ASP C 170 2.19 -15.15 -16.01
N ASP C 170 2.20 -15.12 -16.00
CA ASP C 170 1.40 -16.41 -15.94
CA ASP C 170 1.38 -16.34 -15.86
C ASP C 170 -0.01 -16.16 -16.54
C ASP C 170 0.02 -16.13 -16.54
N GLN C 171 -0.61 -14.99 -16.28
CA GLN C 171 -1.92 -14.60 -16.89
C GLN C 171 -1.76 -14.54 -18.41
N LEU C 172 -0.65 -13.99 -18.89
CA LEU C 172 -0.43 -13.95 -20.36
C LEU C 172 -0.23 -15.38 -20.91
N ALA C 173 0.39 -16.29 -20.16
CA ALA C 173 0.57 -17.69 -20.60
C ALA C 173 -0.80 -18.36 -20.68
N ALA C 174 -1.66 -18.16 -19.67
CA ALA C 174 -3.02 -18.74 -19.60
C ALA C 174 -3.83 -18.25 -20.81
N ALA C 175 -3.58 -17.02 -21.24
CA ALA C 175 -4.29 -16.41 -22.38
C ALA C 175 -3.65 -16.79 -23.73
N GLY C 176 -2.54 -17.53 -23.75
CA GLY C 176 -1.95 -18.05 -24.99
C GLY C 176 -0.96 -17.09 -25.66
N VAL C 177 -0.56 -16.00 -24.99
CA VAL C 177 0.38 -14.98 -25.55
C VAL C 177 1.81 -15.32 -25.13
N ALA C 178 2.01 -15.87 -23.95
CA ALA C 178 3.35 -16.04 -23.37
C ALA C 178 3.63 -17.52 -23.13
N HIS C 179 4.93 -17.82 -23.02
CA HIS C 179 5.49 -19.19 -22.96
C HIS C 179 6.61 -19.16 -21.92
N ALA C 180 6.54 -20.01 -20.89
CA ALA C 180 7.56 -20.09 -19.82
C ALA C 180 8.79 -20.82 -20.34
N THR C 181 9.96 -20.39 -19.88
CA THR C 181 11.24 -21.11 -20.06
C THR C 181 11.85 -21.39 -18.69
N PRO C 182 12.84 -22.29 -18.61
CA PRO C 182 13.39 -22.71 -17.32
C PRO C 182 13.87 -21.53 -16.46
N ALA C 183 13.80 -21.67 -15.14
CA ALA C 183 14.23 -20.66 -14.14
C ALA C 183 15.70 -20.31 -14.37
N ALA C 184 16.05 -19.02 -14.28
CA ALA C 184 17.41 -18.48 -14.49
C ALA C 184 18.40 -19.28 -13.64
#